data_7VS3
#
_entry.id   7VS3
#
_cell.length_a   56.940
_cell.length_b   62.452
_cell.length_c   64.071
_cell.angle_alpha   90.000
_cell.angle_beta   90.000
_cell.angle_gamma   90.000
#
_symmetry.space_group_name_H-M   'P 21 21 2'
#
loop_
_entity.id
_entity.type
_entity.pdbx_description
1 polymer 'Calcium-dependent secretion activator 1'
2 non-polymer 'SULFATE ION'
3 water water
#
_entity_poly.entity_id   1
_entity_poly.type   'polypeptide(L)'
_entity_poly.pdbx_seq_one_letter_code
;DVLLSFSLEVVIMEVQGLKSLAPNRIVYCTMEVEGGEKLQTDQAEASKPTWGTQGDFSTTHALPAVKVKLFTESTGVLAL
EDKELGRVILHPTPNSPKQSEWHKMTVSKNCPDQDLKIKLAVRMDKPQNMKHSGYLWTIGKNVWKRWKKRFFVLVQVSQY
TFAMCSYREKKAEPQELLQLDGYTVDYTDPQPGLEGGRAFFNAVKEGDTVIFASDDEQDRILWVQAMYRATGQSHKPVPP
TQVQ
;
_entity_poly.pdbx_strand_id   A
#
loop_
_chem_comp.id
_chem_comp.type
_chem_comp.name
_chem_comp.formula
SO4 non-polymer 'SULFATE ION' 'O4 S -2'
#
# COMPACT_ATOMS: atom_id res chain seq x y z
N ASP A 1 -19.46 -0.58 -0.44
CA ASP A 1 -20.10 -1.63 -1.22
C ASP A 1 -19.16 -2.13 -2.31
N VAL A 2 -18.10 -1.39 -2.57
CA VAL A 2 -17.01 -1.83 -3.46
C VAL A 2 -15.89 -2.24 -2.52
N LEU A 3 -15.93 -3.47 -2.05
CA LEU A 3 -15.04 -3.94 -1.00
C LEU A 3 -13.98 -4.86 -1.58
N LEU A 4 -12.73 -4.60 -1.19
CA LEU A 4 -11.61 -5.50 -1.42
C LEU A 4 -11.19 -6.12 -0.09
N SER A 5 -10.64 -7.31 -0.16
CA SER A 5 -10.12 -8.00 1.03
C SER A 5 -8.73 -8.52 0.70
N PHE A 6 -7.72 -7.93 1.33
CA PHE A 6 -6.33 -8.26 1.07
C PHE A 6 -5.79 -9.22 2.11
N SER A 7 -5.00 -10.19 1.65
CA SER A 7 -4.14 -10.96 2.55
C SER A 7 -2.86 -10.19 2.79
N LEU A 8 -2.50 -10.01 4.06
CA LEU A 8 -1.30 -9.27 4.44
C LEU A 8 -0.41 -10.19 5.26
N GLU A 9 0.76 -10.53 4.71
CA GLU A 9 1.71 -11.42 5.36
C GLU A 9 2.93 -10.62 5.81
N VAL A 10 3.29 -10.77 7.08
CA VAL A 10 4.44 -10.10 7.66
C VAL A 10 5.41 -11.19 8.11
N VAL A 11 6.62 -11.16 7.56
CA VAL A 11 7.69 -12.07 7.94
C VAL A 11 8.76 -11.27 8.66
N ILE A 12 8.84 -11.45 9.97
CA ILE A 12 9.86 -10.78 10.77
C ILE A 12 11.10 -11.67 10.81
N MET A 13 12.23 -11.13 10.34
CA MET A 13 13.45 -11.91 10.17
C MET A 13 14.34 -11.84 11.41
N GLU A 14 14.84 -10.66 11.73
CA GLU A 14 15.86 -10.48 12.76
C GLU A 14 15.96 -8.99 13.06
N VAL A 15 16.74 -8.67 14.09
CA VAL A 15 17.06 -7.29 14.41
C VAL A 15 18.57 -7.14 14.52
N GLN A 16 19.06 -5.94 14.26
CA GLN A 16 20.45 -5.57 14.45
C GLN A 16 20.51 -4.32 15.33
N GLY A 17 21.65 -4.14 15.99
CA GLY A 17 21.83 -3.01 16.89
C GLY A 17 21.26 -3.21 18.27
N LEU A 18 21.31 -4.44 18.79
CA LEU A 18 20.77 -4.76 20.10
C LEU A 18 21.92 -5.10 21.05
N LYS A 19 22.79 -4.13 21.30
CA LYS A 19 24.04 -4.38 22.03
C LYS A 19 23.88 -4.23 23.54
N SER A 20 22.91 -3.44 24.00
CA SER A 20 22.81 -3.15 25.42
C SER A 20 22.37 -4.37 26.22
N LEU A 21 21.49 -5.19 25.65
CA LEU A 21 20.84 -6.25 26.42
C LEU A 21 21.82 -7.35 26.80
N ALA A 22 21.56 -7.97 27.95
CA ALA A 22 22.26 -9.19 28.33
C ALA A 22 21.98 -10.27 27.28
N PRO A 23 22.90 -11.21 27.08
CA PRO A 23 22.71 -12.21 26.03
C PRO A 23 21.52 -13.13 26.27
N ASN A 24 21.15 -13.37 27.53
CA ASN A 24 20.07 -14.29 27.86
C ASN A 24 18.75 -13.58 28.15
N ARG A 25 18.58 -12.37 27.62
CA ARG A 25 17.30 -11.68 27.75
C ARG A 25 16.37 -12.08 26.61
N ILE A 26 15.10 -12.32 26.96
CA ILE A 26 14.11 -12.77 25.99
C ILE A 26 13.61 -11.57 25.19
N VAL A 27 13.61 -11.70 23.86
CA VAL A 27 13.04 -10.69 22.98
C VAL A 27 11.97 -11.34 22.13
N TYR A 28 10.95 -10.54 21.79
CA TYR A 28 9.91 -10.96 20.87
C TYR A 28 9.35 -9.72 20.19
N CYS A 29 8.58 -9.94 19.13
CA CYS A 29 7.98 -8.85 18.39
C CYS A 29 6.47 -9.06 18.31
N THR A 30 5.73 -7.97 18.38
CA THR A 30 4.31 -7.96 18.07
C THR A 30 4.10 -7.25 16.74
N MET A 31 3.20 -7.79 15.92
CA MET A 31 2.88 -7.22 14.63
C MET A 31 1.37 -7.07 14.55
N GLU A 32 0.91 -5.86 14.20
CA GLU A 32 -0.51 -5.57 14.23
C GLU A 32 -0.90 -4.69 13.05
N VAL A 33 -2.12 -4.92 12.57
CA VAL A 33 -2.77 -4.08 11.56
C VAL A 33 -3.92 -3.36 12.24
N GLU A 34 -4.13 -2.09 11.89
CA GLU A 34 -5.24 -1.35 12.47
C GLU A 34 -6.55 -2.04 12.12
N GLY A 35 -7.41 -2.19 13.12
CA GLY A 35 -8.66 -2.91 12.99
C GLY A 35 -8.84 -4.05 13.98
N GLY A 36 -7.76 -4.54 14.58
CA GLY A 36 -7.89 -5.52 15.64
C GLY A 36 -6.95 -6.71 15.56
N GLU A 37 -6.46 -7.02 14.37
CA GLU A 37 -5.66 -8.23 14.18
C GLU A 37 -4.24 -8.01 14.69
N LYS A 38 -3.86 -8.73 15.75
CA LYS A 38 -2.52 -8.64 16.32
C LYS A 38 -1.93 -10.03 16.48
N LEU A 39 -0.62 -10.15 16.25
CA LEU A 39 0.09 -11.41 16.36
C LEU A 39 1.44 -11.17 17.00
N GLN A 40 2.03 -12.23 17.54
CA GLN A 40 3.33 -12.17 18.18
C GLN A 40 4.28 -13.17 17.55
N THR A 41 5.57 -12.84 17.58
CA THR A 41 6.59 -13.81 17.23
C THR A 41 6.88 -14.71 18.43
N ASP A 42 7.58 -15.80 18.17
CA ASP A 42 8.07 -16.63 19.25
C ASP A 42 9.12 -15.89 20.08
N GLN A 43 9.41 -16.44 21.25
CA GLN A 43 10.47 -15.89 22.09
C GLN A 43 11.83 -16.15 21.44
N ALA A 44 12.70 -15.14 21.50
CA ALA A 44 14.06 -15.28 21.04
C ALA A 44 15.00 -14.75 22.10
N GLU A 45 16.22 -15.27 22.11
CA GLU A 45 17.23 -14.78 23.03
C GLU A 45 18.02 -13.64 22.39
N ALA A 46 18.47 -12.70 23.22
CA ALA A 46 19.15 -11.52 22.69
C ALA A 46 20.47 -11.84 22.02
N SER A 47 21.08 -12.99 22.35
CA SER A 47 22.27 -13.42 21.62
C SER A 47 21.95 -13.71 20.16
N LYS A 48 20.75 -14.19 19.88
CA LYS A 48 20.34 -14.58 18.53
C LYS A 48 18.91 -14.10 18.31
N PRO A 49 18.72 -12.79 18.08
CA PRO A 49 17.36 -12.24 17.89
C PRO A 49 16.87 -12.42 16.47
N THR A 50 16.55 -13.68 16.13
CA THR A 50 16.08 -14.04 14.80
C THR A 50 14.81 -14.88 14.91
N TRP A 51 13.90 -14.66 13.97
CA TRP A 51 12.69 -15.44 13.82
C TRP A 51 12.46 -15.72 12.35
N GLY A 52 11.94 -16.89 12.03
CA GLY A 52 11.49 -17.15 10.68
C GLY A 52 9.97 -17.08 10.65
N THR A 53 9.41 -16.18 11.46
CA THR A 53 8.00 -16.16 11.76
C THR A 53 7.22 -15.43 10.66
N GLN A 54 6.27 -16.14 10.05
CA GLN A 54 5.34 -15.54 9.10
C GLN A 54 4.03 -15.24 9.82
N GLY A 55 3.60 -13.98 9.79
CA GLY A 55 2.32 -13.62 10.34
C GLY A 55 1.32 -13.35 9.23
N ASP A 56 0.23 -14.10 9.18
CA ASP A 56 -0.77 -13.97 8.11
C ASP A 56 -1.94 -13.15 8.63
N PHE A 57 -2.12 -11.96 8.07
CA PHE A 57 -3.20 -11.04 8.42
C PHE A 57 -4.21 -10.96 7.28
N SER A 58 -5.23 -10.13 7.48
CA SER A 58 -6.28 -9.96 6.48
C SER A 58 -7.02 -8.67 6.80
N THR A 59 -7.13 -7.78 5.82
CA THR A 59 -7.72 -6.48 6.06
C THR A 59 -8.49 -6.02 4.83
N THR A 60 -9.37 -5.04 5.05
CA THR A 60 -10.13 -4.39 4.01
C THR A 60 -9.49 -3.09 3.55
N HIS A 61 -8.38 -2.70 4.17
CA HIS A 61 -7.72 -1.43 3.87
C HIS A 61 -6.69 -1.65 2.77
N ALA A 62 -6.88 -0.97 1.64
CA ALA A 62 -5.87 -1.00 0.59
C ALA A 62 -4.59 -0.34 1.05
N LEU A 63 -4.67 0.64 1.95
CA LEU A 63 -3.53 1.37 2.49
C LEU A 63 -3.45 1.17 4.00
N PRO A 64 -3.14 -0.03 4.46
CA PRO A 64 -3.09 -0.28 5.91
C PRO A 64 -1.76 0.14 6.51
N ALA A 65 -1.78 0.32 7.82
CA ALA A 65 -0.58 0.61 8.60
C ALA A 65 -0.20 -0.62 9.40
N VAL A 66 1.03 -1.08 9.22
CA VAL A 66 1.53 -2.27 9.92
C VAL A 66 2.53 -1.82 10.97
N LYS A 67 2.13 -1.93 12.23
CA LYS A 67 2.96 -1.53 13.37
C LYS A 67 3.68 -2.77 13.91
N VAL A 68 5.00 -2.75 13.87
CA VAL A 68 5.83 -3.82 14.42
C VAL A 68 6.60 -3.26 15.60
N LYS A 69 6.51 -3.93 16.74
CA LYS A 69 7.13 -3.47 17.98
C LYS A 69 8.05 -4.55 18.54
N LEU A 70 9.26 -4.15 18.95
CA LEU A 70 10.21 -5.07 19.56
C LEU A 70 10.14 -4.94 21.07
N PHE A 71 10.05 -6.07 21.76
CA PHE A 71 9.91 -6.08 23.21
C PHE A 71 11.01 -6.94 23.83
N THR A 72 11.38 -6.57 25.06
CA THR A 72 12.06 -7.46 25.98
C THR A 72 11.16 -7.60 27.21
N GLU A 73 11.08 -8.81 27.75
CA GLU A 73 10.17 -9.05 28.85
C GLU A 73 10.93 -9.20 30.17
N SER A 74 10.20 -8.98 31.26
CA SER A 74 10.70 -9.18 32.61
C SER A 74 11.95 -8.36 32.90
N LEU A 80 7.80 -5.81 35.60
CA LEU A 80 7.05 -4.58 35.33
C LEU A 80 6.61 -4.52 33.87
N GLU A 81 5.48 -5.18 33.57
CA GLU A 81 4.96 -5.27 32.21
C GLU A 81 6.03 -5.80 31.27
N ASP A 82 6.06 -5.30 30.04
CA ASP A 82 7.14 -5.59 29.09
C ASP A 82 7.68 -4.29 28.53
N LYS A 83 8.97 -4.28 28.25
CA LYS A 83 9.67 -3.07 27.82
C LYS A 83 9.79 -3.07 26.30
N GLU A 84 9.25 -2.02 25.67
CA GLU A 84 9.39 -1.86 24.22
C GLU A 84 10.76 -1.25 23.91
N LEU A 85 11.53 -1.92 23.07
CA LEU A 85 12.84 -1.42 22.68
C LEU A 85 12.81 -0.60 21.40
N GLY A 86 11.76 -0.72 20.60
CA GLY A 86 11.67 0.03 19.36
C GLY A 86 10.41 -0.36 18.62
N ARG A 87 10.11 0.44 17.60
CA ARG A 87 8.96 0.17 16.75
C ARG A 87 9.22 0.68 15.35
N VAL A 88 8.53 0.10 14.39
CA VAL A 88 8.42 0.63 13.04
C VAL A 88 6.95 0.57 12.63
N ILE A 89 6.54 1.55 11.84
CA ILE A 89 5.21 1.55 11.24
C ILE A 89 5.39 1.53 9.73
N LEU A 90 4.91 0.46 9.11
CA LEU A 90 5.01 0.27 7.66
C LEU A 90 3.70 0.62 6.99
N HIS A 91 3.80 1.15 5.78
CA HIS A 91 2.64 1.57 4.99
C HIS A 91 2.75 0.92 3.62
N PRO A 92 2.33 -0.35 3.51
CA PRO A 92 2.45 -1.07 2.24
C PRO A 92 1.21 -0.93 1.38
N THR A 93 1.42 -1.05 0.07
CA THR A 93 0.35 -1.05 -0.91
C THR A 93 0.40 -2.38 -1.64
N PRO A 94 -0.61 -2.76 -2.42
CA PRO A 94 -0.51 -4.02 -3.19
C PRO A 94 0.67 -4.02 -4.16
N ASN A 95 1.22 -2.85 -4.51
CA ASN A 95 2.36 -2.74 -5.40
C ASN A 95 3.69 -2.62 -4.66
N SER A 96 3.66 -2.65 -3.32
CA SER A 96 4.87 -2.46 -2.54
C SER A 96 5.82 -3.63 -2.72
N PRO A 97 7.12 -3.39 -2.54
CA PRO A 97 8.09 -4.50 -2.67
C PRO A 97 7.83 -5.58 -1.62
N LYS A 98 7.78 -6.82 -2.09
CA LYS A 98 7.59 -7.98 -1.22
C LYS A 98 8.90 -8.59 -0.78
N GLN A 99 10.03 -7.97 -1.11
CA GLN A 99 11.33 -8.44 -0.65
C GLN A 99 11.53 -8.09 0.83
N SER A 100 12.44 -8.82 1.46
CA SER A 100 12.85 -8.49 2.82
C SER A 100 13.58 -7.13 2.81
N GLU A 101 13.33 -6.33 3.83
CA GLU A 101 13.87 -4.97 3.88
C GLU A 101 14.31 -4.63 5.30
N TRP A 102 15.46 -3.97 5.40
CA TRP A 102 15.93 -3.44 6.67
C TRP A 102 15.25 -2.11 6.97
N HIS A 103 14.72 -1.98 8.19
CA HIS A 103 14.07 -0.75 8.61
C HIS A 103 14.65 -0.29 9.94
N LYS A 104 14.82 1.02 10.09
CA LYS A 104 15.26 1.59 11.36
C LYS A 104 14.10 1.71 12.33
N MET A 105 14.30 1.26 13.56
CA MET A 105 13.27 1.35 14.58
C MET A 105 13.44 2.62 15.39
N THR A 106 12.31 3.23 15.76
CA THR A 106 12.32 4.38 16.64
C THR A 106 12.60 3.93 18.07
N VAL A 107 13.64 4.50 18.68
CA VAL A 107 14.11 4.12 20.00
C VAL A 107 13.88 5.27 20.96
N SER A 108 13.53 4.95 22.21
CA SER A 108 13.14 5.96 23.20
C SER A 108 14.28 6.87 23.64
N LYS A 109 15.50 6.69 23.13
CA LYS A 109 16.64 7.54 23.48
C LYS A 109 16.99 7.47 24.97
N ASN A 110 16.28 6.64 25.72
CA ASN A 110 16.66 6.28 27.07
C ASN A 110 17.38 4.94 27.13
N CYS A 111 17.59 4.32 25.98
CA CYS A 111 18.34 3.08 25.83
C CYS A 111 19.35 3.27 24.70
N PRO A 112 20.58 2.77 24.87
CA PRO A 112 21.64 3.13 23.93
C PRO A 112 21.66 2.32 22.64
N ASP A 113 20.49 1.86 22.17
CA ASP A 113 20.43 1.09 20.93
C ASP A 113 19.89 1.97 19.81
N GLN A 114 20.71 2.96 19.42
CA GLN A 114 20.24 3.94 18.46
C GLN A 114 20.29 3.40 17.03
N ASP A 115 21.33 2.64 16.67
CA ASP A 115 21.40 2.01 15.36
C ASP A 115 20.60 0.71 15.30
N LEU A 116 19.45 0.67 15.95
CA LEU A 116 18.64 -0.54 16.10
C LEU A 116 17.67 -0.65 14.92
N LYS A 117 17.81 -1.74 14.16
CA LYS A 117 17.08 -1.94 12.92
C LYS A 117 16.51 -3.35 12.86
N ILE A 118 15.46 -3.52 12.07
CA ILE A 118 14.75 -4.78 11.96
C ILE A 118 14.57 -5.12 10.49
N LYS A 119 14.78 -6.39 10.14
CA LYS A 119 14.64 -6.86 8.77
C LYS A 119 13.26 -7.51 8.60
N LEU A 120 12.52 -7.08 7.59
CA LEU A 120 11.10 -7.36 7.49
C LEU A 120 10.69 -7.60 6.03
N ALA A 121 9.76 -8.53 5.84
CA ALA A 121 9.06 -8.69 4.58
C ALA A 121 7.57 -8.40 4.82
N VAL A 122 6.96 -7.65 3.92
CA VAL A 122 5.54 -7.30 4.01
C VAL A 122 4.91 -7.52 2.65
N ARG A 123 3.91 -8.39 2.58
CA ARG A 123 3.31 -8.81 1.32
C ARG A 123 1.81 -8.62 1.37
N MET A 124 1.27 -7.82 0.46
CA MET A 124 -0.16 -7.71 0.23
C MET A 124 -0.50 -8.45 -1.06
N ASP A 125 -1.37 -9.45 -0.96
CA ASP A 125 -1.76 -10.22 -2.13
C ASP A 125 -2.64 -9.37 -3.04
N LYS A 126 -2.82 -9.86 -4.27
CA LYS A 126 -3.70 -9.19 -5.21
C LYS A 126 -5.02 -9.95 -5.28
N PRO A 127 -6.09 -9.49 -4.63
CA PRO A 127 -7.37 -10.19 -4.75
C PRO A 127 -7.85 -10.19 -6.19
N GLN A 128 -8.65 -11.21 -6.51
CA GLN A 128 -9.00 -11.46 -7.92
C GLN A 128 -9.82 -10.32 -8.52
N ASN A 129 -10.60 -9.62 -7.71
CA ASN A 129 -11.41 -8.53 -8.25
C ASN A 129 -10.64 -7.22 -8.38
N MET A 130 -9.39 -7.18 -7.96
CA MET A 130 -8.53 -6.01 -8.19
C MET A 130 -7.75 -6.21 -9.48
N LYS A 131 -7.96 -5.32 -10.45
CA LYS A 131 -7.28 -5.42 -11.73
C LYS A 131 -5.97 -4.65 -11.77
N HIS A 132 -5.88 -3.55 -11.05
CA HIS A 132 -4.73 -2.66 -11.13
C HIS A 132 -4.82 -1.66 -9.99
N SER A 133 -3.65 -1.20 -9.54
CA SER A 133 -3.59 -0.20 -8.49
C SER A 133 -2.35 0.67 -8.72
N GLY A 134 -2.30 1.76 -7.98
CA GLY A 134 -1.16 2.66 -8.04
C GLY A 134 -1.54 4.07 -7.63
N TYR A 135 -0.52 4.92 -7.58
CA TYR A 135 -0.71 6.34 -7.36
C TYR A 135 -0.82 7.06 -8.69
N LEU A 136 -1.71 8.04 -8.76
CA LEU A 136 -1.94 8.79 -9.98
C LEU A 136 -2.33 10.22 -9.65
N TRP A 137 -1.80 11.16 -10.43
CA TRP A 137 -2.34 12.51 -10.43
C TRP A 137 -3.67 12.50 -11.18
N THR A 138 -4.65 13.24 -10.65
CA THR A 138 -5.98 13.15 -11.22
C THR A 138 -6.81 14.35 -10.85
N ILE A 139 -7.67 14.80 -11.77
CA ILE A 139 -8.69 15.79 -11.51
C ILE A 139 -9.89 15.48 -12.41
N GLY A 140 -11.09 15.72 -11.87
CA GLY A 140 -12.30 15.43 -12.61
C GLY A 140 -13.31 16.55 -12.49
N LYS A 141 -14.35 16.45 -13.31
CA LYS A 141 -15.45 17.41 -13.29
C LYS A 141 -16.43 17.10 -12.16
N ASN A 142 -16.71 15.82 -11.91
CA ASN A 142 -17.67 15.42 -10.89
C ASN A 142 -17.05 14.68 -9.71
N VAL A 143 -15.88 14.08 -9.88
CA VAL A 143 -15.17 13.40 -8.81
C VAL A 143 -13.72 13.85 -8.87
N TRP A 144 -13.05 13.77 -7.72
CA TRP A 144 -11.65 14.18 -7.59
C TRP A 144 -11.45 15.58 -8.19
N LYS A 145 -12.25 16.52 -7.66
CA LYS A 145 -12.36 17.86 -8.23
C LYS A 145 -11.16 18.76 -7.90
N ARG A 146 -10.00 18.18 -7.57
CA ARG A 146 -8.81 18.97 -7.31
C ARG A 146 -7.59 18.17 -7.76
N TRP A 147 -6.73 18.80 -8.57
CA TRP A 147 -5.52 18.15 -9.04
C TRP A 147 -4.67 17.71 -7.86
N LYS A 148 -4.66 16.41 -7.62
CA LYS A 148 -4.06 15.86 -6.42
C LYS A 148 -3.67 14.41 -6.71
N LYS A 149 -2.56 13.98 -6.11
CA LYS A 149 -2.12 12.59 -6.24
C LYS A 149 -2.84 11.74 -5.20
N ARG A 150 -3.53 10.71 -5.65
CA ARG A 150 -4.24 9.77 -4.79
C ARG A 150 -3.84 8.35 -5.17
N PHE A 151 -4.18 7.41 -4.30
CA PHE A 151 -3.97 5.99 -4.58
C PHE A 151 -5.24 5.41 -5.18
N PHE A 152 -5.09 4.67 -6.28
CA PHE A 152 -6.22 4.14 -7.01
C PHE A 152 -6.20 2.62 -7.04
N VAL A 153 -7.38 2.02 -7.06
CA VAL A 153 -7.56 0.60 -7.36
C VAL A 153 -8.61 0.47 -8.44
N LEU A 154 -8.31 -0.33 -9.47
CA LEU A 154 -9.27 -0.67 -10.51
C LEU A 154 -9.93 -1.98 -10.10
N VAL A 155 -11.13 -1.90 -9.55
CA VAL A 155 -11.84 -3.04 -8.99
C VAL A 155 -12.90 -3.51 -9.98
N GLN A 156 -12.91 -4.82 -10.25
CA GLN A 156 -13.99 -5.42 -11.02
C GLN A 156 -15.19 -5.61 -10.10
N VAL A 157 -16.25 -4.83 -10.32
CA VAL A 157 -17.39 -4.84 -9.42
C VAL A 157 -18.52 -5.72 -9.95
N SER A 158 -18.36 -6.36 -11.10
CA SER A 158 -19.33 -7.32 -11.61
C SER A 158 -18.64 -8.10 -12.73
N GLN A 159 -19.37 -9.05 -13.32
CA GLN A 159 -18.81 -9.77 -14.46
C GLN A 159 -18.56 -8.85 -15.64
N TYR A 160 -19.18 -7.66 -15.64
CA TYR A 160 -19.03 -6.72 -16.76
C TYR A 160 -18.83 -5.27 -16.34
N THR A 161 -18.92 -4.94 -15.05
CA THR A 161 -18.79 -3.57 -14.56
C THR A 161 -17.49 -3.41 -13.80
N PHE A 162 -16.81 -2.28 -14.01
CA PHE A 162 -15.55 -1.96 -13.36
C PHE A 162 -15.62 -0.57 -12.78
N ALA A 163 -14.70 -0.26 -11.86
CA ALA A 163 -14.75 1.01 -11.16
C ALA A 163 -13.36 1.49 -10.78
N MET A 164 -13.06 2.76 -11.08
CA MET A 164 -11.85 3.42 -10.61
C MET A 164 -12.11 3.97 -9.22
N CYS A 165 -11.38 3.46 -8.22
CA CYS A 165 -11.61 3.80 -6.83
C CYS A 165 -10.33 4.35 -6.22
N SER A 166 -10.44 5.53 -5.62
CA SER A 166 -9.37 6.11 -4.82
C SER A 166 -9.59 5.78 -3.36
N TYR A 167 -8.49 5.69 -2.61
CA TYR A 167 -8.54 5.33 -1.21
C TYR A 167 -7.68 6.28 -0.39
N ARG A 168 -8.13 6.51 0.85
CA ARG A 168 -7.32 7.20 1.85
C ARG A 168 -6.64 6.17 2.74
N GLU A 169 -5.80 6.66 3.63
CA GLU A 169 -5.05 5.76 4.51
C GLU A 169 -5.98 5.12 5.54
N LYS A 170 -5.84 3.81 5.71
CA LYS A 170 -6.54 3.06 6.75
C LYS A 170 -8.05 3.17 6.61
N LYS A 171 -8.55 3.17 5.38
CA LYS A 171 -9.97 3.18 5.08
C LYS A 171 -10.36 1.91 4.37
N ALA A 172 -11.50 1.34 4.77
CA ALA A 172 -11.99 0.12 4.14
C ALA A 172 -12.73 0.37 2.83
N GLU A 173 -13.21 1.59 2.63
CA GLU A 173 -14.05 1.94 1.50
C GLU A 173 -13.45 3.11 0.75
N PRO A 174 -13.61 3.14 -0.58
CA PRO A 174 -13.00 4.22 -1.37
C PRO A 174 -13.59 5.58 -1.01
N GLN A 175 -12.73 6.60 -1.08
CA GLN A 175 -13.18 7.97 -0.80
C GLN A 175 -14.10 8.46 -1.91
N GLU A 176 -13.71 8.25 -3.16
CA GLU A 176 -14.54 8.49 -4.33
C GLU A 176 -14.39 7.31 -5.27
N LEU A 177 -15.27 7.23 -6.26
CA LEU A 177 -15.14 6.15 -7.24
C LEU A 177 -15.83 6.57 -8.53
N LEU A 178 -15.35 5.99 -9.64
CA LEU A 178 -15.87 6.28 -10.96
C LEU A 178 -16.24 4.97 -11.63
N GLN A 179 -17.52 4.81 -11.98
CA GLN A 179 -17.96 3.66 -12.75
C GLN A 179 -17.53 3.84 -14.20
N LEU A 180 -16.69 2.94 -14.69
CA LEU A 180 -16.01 3.13 -15.97
C LEU A 180 -16.85 2.74 -17.17
N ASP A 181 -18.05 2.20 -16.97
CA ASP A 181 -18.88 1.81 -18.10
C ASP A 181 -19.40 3.06 -18.80
N GLY A 182 -19.17 3.14 -20.10
CA GLY A 182 -19.51 4.31 -20.88
C GLY A 182 -18.38 5.29 -21.12
N TYR A 183 -17.19 5.02 -20.59
CA TYR A 183 -16.07 5.94 -20.69
C TYR A 183 -15.09 5.51 -21.78
N THR A 184 -14.36 6.49 -22.31
CA THR A 184 -13.33 6.25 -23.30
C THR A 184 -12.01 6.81 -22.79
N VAL A 185 -11.02 5.93 -22.63
CA VAL A 185 -9.71 6.29 -22.11
C VAL A 185 -8.73 6.35 -23.26
N ASP A 186 -7.75 7.25 -23.16
CA ASP A 186 -6.72 7.39 -24.18
C ASP A 186 -5.55 8.17 -23.62
N TYR A 187 -4.40 8.02 -24.27
CA TYR A 187 -3.25 8.86 -23.97
C TYR A 187 -3.53 10.29 -24.40
N THR A 188 -2.97 11.25 -23.65
CA THR A 188 -3.07 12.65 -24.02
C THR A 188 -1.73 13.33 -23.81
N ASP A 189 -1.52 14.42 -24.57
CA ASP A 189 -0.38 15.28 -24.33
C ASP A 189 -0.46 15.87 -22.93
N PRO A 190 0.68 16.27 -22.36
CA PRO A 190 0.65 16.89 -21.02
C PRO A 190 -0.26 18.10 -20.98
N GLN A 191 -1.21 18.08 -20.03
CA GLN A 191 -2.19 19.15 -19.98
C GLN A 191 -1.61 20.37 -19.27
N PRO A 192 -1.89 21.57 -19.77
CA PRO A 192 -1.27 22.77 -19.20
C PRO A 192 -1.94 23.19 -17.90
N GLY A 193 -1.18 23.92 -17.08
CA GLY A 193 -1.70 24.46 -15.85
C GLY A 193 -1.84 23.47 -14.71
N LEU A 194 -1.46 22.21 -14.91
CA LEU A 194 -1.52 21.19 -13.87
C LEU A 194 -0.10 20.91 -13.39
N GLU A 195 0.26 21.48 -12.25
CA GLU A 195 1.59 21.29 -11.69
C GLU A 195 1.67 19.96 -10.96
N GLY A 196 2.51 19.05 -11.46
CA GLY A 196 2.56 17.69 -10.94
C GLY A 196 1.97 16.71 -11.94
N GLY A 197 2.74 15.70 -12.27
CA GLY A 197 2.32 14.75 -13.28
C GLY A 197 3.20 14.89 -14.52
N ARG A 198 3.59 13.75 -15.07
CA ARG A 198 4.51 13.72 -16.21
C ARG A 198 3.89 13.09 -17.45
N ALA A 199 3.21 11.95 -17.31
CA ALA A 199 2.63 11.23 -18.44
C ALA A 199 1.12 11.22 -18.27
N PHE A 200 0.42 12.00 -19.10
CA PHE A 200 -0.99 12.27 -18.93
C PHE A 200 -1.86 11.34 -19.77
N PHE A 201 -3.08 11.12 -19.30
CA PHE A 201 -4.13 10.43 -20.04
C PHE A 201 -5.46 10.85 -19.42
N ASN A 202 -6.56 10.38 -20.01
CA ASN A 202 -7.86 10.81 -19.52
C ASN A 202 -8.90 9.71 -19.72
N ALA A 203 -9.99 9.83 -18.97
CA ALA A 203 -11.20 9.04 -19.16
C ALA A 203 -12.33 10.00 -19.46
N VAL A 204 -12.97 9.84 -20.62
CA VAL A 204 -13.88 10.86 -21.13
C VAL A 204 -15.17 10.20 -21.56
N LYS A 205 -16.27 10.93 -21.39
CA LYS A 205 -17.57 10.49 -21.88
C LYS A 205 -18.50 11.69 -21.91
N GLU A 206 -19.74 11.44 -22.34
CA GLU A 206 -20.77 12.46 -22.40
C GLU A 206 -21.04 13.04 -21.02
N GLY A 207 -20.50 14.23 -20.74
CA GLY A 207 -20.78 14.96 -19.52
C GLY A 207 -19.63 14.99 -18.53
N ASP A 208 -18.74 14.00 -18.56
CA ASP A 208 -17.67 13.91 -17.59
C ASP A 208 -16.32 13.80 -18.28
N THR A 209 -15.30 14.33 -17.61
CA THR A 209 -13.91 14.24 -18.06
C THR A 209 -13.02 14.15 -16.83
N VAL A 210 -12.20 13.12 -16.78
CA VAL A 210 -11.22 12.94 -15.71
C VAL A 210 -9.83 12.94 -16.33
N ILE A 211 -8.95 13.79 -15.83
CA ILE A 211 -7.56 13.86 -16.29
C ILE A 211 -6.71 13.00 -15.36
N PHE A 212 -5.82 12.20 -15.95
CA PHE A 212 -4.90 11.36 -15.20
C PHE A 212 -3.46 11.68 -15.61
N ALA A 213 -2.55 11.58 -14.65
CA ALA A 213 -1.13 11.71 -14.96
C ALA A 213 -0.33 10.76 -14.09
N SER A 214 0.55 9.99 -14.72
CA SER A 214 1.51 9.15 -14.04
C SER A 214 2.86 9.85 -14.01
N ASP A 215 3.72 9.41 -13.09
CA ASP A 215 5.07 9.96 -13.05
C ASP A 215 5.96 9.34 -14.12
N ASP A 216 5.70 8.08 -14.48
CA ASP A 216 6.49 7.37 -15.48
C ASP A 216 5.57 6.88 -16.59
N GLU A 217 6.10 6.84 -17.82
CA GLU A 217 5.27 6.45 -18.95
C GLU A 217 5.04 4.95 -19.01
N GLN A 218 5.98 4.15 -18.51
CA GLN A 218 5.72 2.73 -18.36
C GLN A 218 4.52 2.50 -17.45
N ASP A 219 4.38 3.31 -16.41
CA ASP A 219 3.22 3.20 -15.52
C ASP A 219 1.96 3.71 -16.21
N ARG A 220 2.10 4.71 -17.09
CA ARG A 220 0.93 5.19 -17.84
C ARG A 220 0.41 4.13 -18.80
N ILE A 221 1.31 3.45 -19.51
CA ILE A 221 0.90 2.44 -20.48
C ILE A 221 0.11 1.33 -19.79
N LEU A 222 0.59 0.85 -18.64
CA LEU A 222 -0.11 -0.20 -17.92
C LEU A 222 -1.48 0.26 -17.47
N TRP A 223 -1.59 1.52 -17.02
CA TRP A 223 -2.90 2.04 -16.62
C TRP A 223 -3.84 2.12 -17.81
N VAL A 224 -3.43 2.82 -18.88
CA VAL A 224 -4.32 3.04 -20.02
C VAL A 224 -4.80 1.72 -20.60
N GLN A 225 -3.91 0.74 -20.70
CA GLN A 225 -4.32 -0.57 -21.21
C GLN A 225 -5.30 -1.27 -20.28
N ALA A 226 -5.04 -1.22 -18.98
CA ALA A 226 -5.96 -1.82 -18.02
C ALA A 226 -7.33 -1.16 -18.08
N MET A 227 -7.36 0.17 -18.13
CA MET A 227 -8.64 0.87 -18.15
C MET A 227 -9.35 0.69 -19.48
N TYR A 228 -8.61 0.56 -20.58
CA TYR A 228 -9.23 0.29 -21.87
C TYR A 228 -10.10 -0.97 -21.80
N ARG A 229 -9.57 -2.03 -21.21
CA ARG A 229 -10.32 -3.26 -21.00
C ARG A 229 -11.40 -3.11 -19.93
N ALA A 230 -11.24 -2.17 -19.00
CA ALA A 230 -12.24 -2.02 -17.96
C ALA A 230 -13.49 -1.28 -18.45
N THR A 231 -13.33 -0.40 -19.44
CA THR A 231 -14.44 0.39 -19.93
C THR A 231 -15.25 -0.31 -21.02
N GLY A 232 -14.65 -1.27 -21.73
CA GLY A 232 -15.33 -1.87 -22.85
C GLY A 232 -15.48 -0.97 -24.04
N GLN A 233 -14.66 0.08 -24.13
CA GLN A 233 -14.69 1.00 -25.26
C GLN A 233 -14.21 0.30 -26.53
N SER A 234 -14.72 0.76 -27.67
CA SER A 234 -14.24 0.25 -28.94
C SER A 234 -13.01 1.00 -29.44
N HIS A 235 -12.85 2.26 -29.05
CA HIS A 235 -11.70 3.06 -29.48
C HIS A 235 -10.42 2.50 -28.89
N LYS A 236 -9.46 2.17 -29.75
CA LYS A 236 -8.16 1.74 -29.27
C LYS A 236 -7.30 2.96 -28.95
N PRO A 237 -6.68 3.01 -27.76
CA PRO A 237 -5.87 4.17 -27.40
C PRO A 237 -4.70 4.35 -28.36
N VAL A 238 -4.39 5.61 -28.65
CA VAL A 238 -3.32 5.99 -29.58
C VAL A 238 -2.10 6.44 -28.79
N PRO A 239 -1.09 5.59 -28.63
CA PRO A 239 0.10 5.97 -27.86
C PRO A 239 1.00 6.89 -28.66
N PRO A 240 1.97 7.55 -28.01
CA PRO A 240 2.96 8.35 -28.74
C PRO A 240 4.10 7.50 -29.30
S SO4 B . -12.68 5.47 -32.91
O1 SO4 B . -13.20 6.00 -34.17
O2 SO4 B . -11.22 5.60 -32.87
O3 SO4 B . -13.04 4.06 -32.78
O4 SO4 B . -13.28 6.23 -31.82
S SO4 C . 1.02 1.94 20.82
O1 SO4 C . 1.16 2.82 19.68
O2 SO4 C . 2.07 0.92 20.80
O3 SO4 C . -0.29 1.27 20.77
O4 SO4 C . 1.12 2.71 22.06
S SO4 D . -9.26 13.17 -1.61
O1 SO4 D . -9.72 14.54 -1.36
O2 SO4 D . -9.54 12.81 -3.00
O3 SO4 D . -7.83 13.06 -1.35
O4 SO4 D . -9.96 12.24 -0.71
#